data_1ZVR
#
_entry.id   1ZVR
#
_cell.length_a   66.18
_cell.length_b   66.18
_cell.length_c   262.37
_cell.angle_alpha   90
_cell.angle_beta   90
_cell.angle_gamma   90
#
_symmetry.space_group_name_H-M   'P 41 21 2'
#
loop_
_entity.id
_entity.type
_entity.pdbx_description
1 polymer 'Myotubularin-related protein 2'
2 non-polymer 1,2-ETHANEDIOL
3 non-polymer '(1S)-2-(1-HYDROXYBUTOXY)-1-{[(HYDROXY{[(2R,3S,5R,6S)-2,4,6-TRIHYDROXY-3,5-BIS(PHOSPHONOOXY)CYCLOHEXYL]OXY}PHOSPHORYL)OXY]METHYL}ETHYL BUTYRATE'
4 water water
#
_entity_poly.entity_id   1
_entity_poly.type   'polypeptide(L)'
_entity_poly.pdbx_seq_one_letter_code
;MASMEEPPLLPGENIKDMAKDVTYICPFTGAVRGTLTVTNYRLYFKSMERDPPFVLDASLGVINRVEKIGGASSRGENSY
GLETVCKDIRNLRFAHKPEGRTRRSIFENLMKYAFPVSNNLPLFAFEYKEVFPENGWKLYDPLLEYRRQGIPNESWRITK
INERYELCDTYPALLVVPANIPDEELKRVASFRSRGRIPVLSWIHPESQATITRCSQPMVGVSGKRSKEDEKYLQAIMDS
NAQSHKIFIFDARPSVNAVANKAKGGGYESEDAYQNAELVFLDIHNIHVMRESLRKLKEIVYPNIEETHWLSNLESTHWL
EHIKLILAGALRIADKVESGKTSVVVHSSDGWDRTAQLTSLAMLMLDGYYRTIRGFEVLVEKEWLSFGHRFQLRVGHGDK
NHADADRSPVFLQFIDCVWQMTRQFPTAFEFNEYFLITILDHLYSCLFGTFLCNSEQQRGKENLPKRTVSLWSYINSQLE
DFTNPLYGSYSNHVLYPVASMRHLELWVGYYIRWNPRAAALEHHHHHH
;
_entity_poly.pdbx_strand_id   A
#
loop_
_chem_comp.id
_chem_comp.type
_chem_comp.name
_chem_comp.formula
3PI non-polymer '(1S)-2-(1-HYDROXYBUTOXY)-1-{[(HYDROXY{[(2R,3S,5R,6S)-2,4,6-TRIHYDROXY-3,5-BIS(PHOSPHONOOXY)CYCLOHEXYL]OXY}PHOSPHORYL)OXY]METHYL}ETHYL BUTYRATE' 'C17 H35 O19 P3'
EDO non-polymer 1,2-ETHANEDIOL 'C2 H6 O2'
#
# COMPACT_ATOMS: atom_id res chain seq x y z
N MET A 4 4.29 -26.21 -27.11
CA MET A 4 5.55 -25.76 -26.52
C MET A 4 5.25 -24.97 -25.23
N GLU A 5 6.23 -25.11 -24.33
CA GLU A 5 6.13 -24.75 -22.95
C GLU A 5 6.98 -23.61 -22.49
N GLU A 6 7.54 -22.94 -23.49
CA GLU A 6 8.23 -21.67 -23.37
C GLU A 6 7.33 -20.52 -22.91
N PRO A 7 8.01 -19.77 -21.91
CA PRO A 7 7.09 -18.62 -21.52
C PRO A 7 7.08 -17.49 -22.51
N PRO A 8 5.82 -16.83 -22.43
CA PRO A 8 5.87 -15.62 -23.33
C PRO A 8 6.85 -14.60 -22.71
N LEU A 9 7.42 -13.76 -23.55
CA LEU A 9 8.46 -12.84 -23.04
C LEU A 9 8.15 -11.38 -23.24
N LEU A 10 8.24 -10.60 -22.18
CA LEU A 10 7.98 -9.18 -22.28
C LEU A 10 9.26 -8.56 -22.82
N PRO A 11 9.15 -7.43 -23.52
CA PRO A 11 10.35 -6.80 -24.05
C PRO A 11 11.35 -6.45 -22.95
N GLY A 12 12.49 -7.13 -22.98
CA GLY A 12 13.52 -6.90 -21.97
C GLY A 12 13.66 -8.10 -21.07
N GLU A 13 12.66 -8.98 -21.13
CA GLU A 13 12.65 -10.19 -20.33
C GLU A 13 13.30 -11.35 -21.08
N ASN A 14 14.01 -12.21 -20.37
CA ASN A 14 14.60 -13.39 -21.01
C ASN A 14 14.87 -14.52 -20.05
N ILE A 15 14.91 -15.72 -20.62
CA ILE A 15 15.13 -16.94 -19.87
C ILE A 15 16.50 -17.03 -19.23
N LYS A 16 16.53 -17.41 -17.96
CA LYS A 16 17.77 -17.51 -17.22
C LYS A 16 18.08 -18.96 -16.89
N ASP A 17 17.06 -19.79 -16.94
CA ASP A 17 17.23 -21.19 -16.66
C ASP A 17 15.95 -21.94 -17.02
N MET A 18 16.09 -23.21 -17.37
CA MET A 18 14.93 -24.01 -17.73
C MET A 18 15.13 -25.40 -17.19
N ALA A 19 14.03 -26.08 -16.88
CA ALA A 19 14.14 -27.42 -16.33
C ALA A 19 13.06 -28.36 -16.85
N LYS A 20 13.52 -29.43 -17.50
CA LYS A 20 12.64 -30.44 -18.05
C LYS A 20 12.19 -31.39 -16.95
N ASP A 21 11.02 -32.00 -17.15
CA ASP A 21 10.51 -32.98 -16.21
C ASP A 21 10.53 -32.61 -14.77
N VAL A 22 10.01 -31.39 -14.51
CA VAL A 22 9.81 -30.96 -13.10
C VAL A 22 8.32 -31.20 -12.80
N THR A 23 7.99 -31.51 -11.58
CA THR A 23 6.58 -31.81 -11.24
C THR A 23 5.99 -30.74 -10.37
N TYR A 24 4.95 -30.05 -10.80
CA TYR A 24 4.30 -29.06 -9.95
C TYR A 24 3.21 -29.80 -9.19
N ILE A 25 3.18 -29.63 -7.88
CA ILE A 25 2.17 -30.29 -7.07
C ILE A 25 1.03 -29.34 -6.73
N CYS A 26 0.00 -29.34 -7.57
CA CYS A 26 -1.17 -28.48 -7.37
C CYS A 26 -1.95 -29.05 -6.19
N PRO A 27 -2.13 -28.26 -5.12
CA PRO A 27 -2.86 -28.72 -3.94
C PRO A 27 -4.30 -29.07 -4.27
N PHE A 28 -4.80 -28.55 -5.39
CA PHE A 28 -6.17 -28.77 -5.80
C PHE A 28 -6.34 -29.84 -6.89
N THR A 29 -5.41 -29.89 -7.83
CA THR A 29 -5.50 -30.86 -8.92
C THR A 29 -4.41 -31.91 -8.93
N GLY A 30 -3.84 -32.21 -7.77
CA GLY A 30 -2.79 -33.21 -7.73
C GLY A 30 -1.59 -32.74 -8.54
N ALA A 31 -0.71 -33.67 -8.92
CA ALA A 31 0.49 -33.31 -9.67
C ALA A 31 0.38 -33.32 -11.18
N VAL A 32 1.34 -32.66 -11.81
CA VAL A 32 1.42 -32.56 -13.25
C VAL A 32 2.88 -32.28 -13.64
N ARG A 33 3.41 -33.10 -14.54
CA ARG A 33 4.79 -32.97 -14.98
C ARG A 33 4.91 -32.07 -16.20
N GLY A 34 5.81 -31.09 -16.11
CA GLY A 34 6.00 -30.17 -17.22
C GLY A 34 7.36 -29.48 -17.17
N THR A 35 7.44 -28.32 -17.82
CA THR A 35 8.68 -27.57 -17.88
C THR A 35 8.65 -26.27 -17.06
N LEU A 36 9.63 -26.14 -16.17
CA LEU A 36 9.76 -24.98 -15.30
C LEU A 36 10.79 -24.03 -15.90
N THR A 37 10.40 -22.78 -16.06
CA THR A 37 11.29 -21.78 -16.61
C THR A 37 11.42 -20.58 -15.69
N VAL A 38 12.62 -20.02 -15.65
CA VAL A 38 12.87 -18.85 -14.82
C VAL A 38 13.42 -17.76 -15.72
N THR A 39 12.83 -16.58 -15.66
CA THR A 39 13.31 -15.45 -16.45
C THR A 39 13.79 -14.40 -15.46
N ASN A 40 14.03 -13.25 -16.04
CA ASN A 40 14.44 -12.18 -15.11
C ASN A 40 13.26 -11.60 -14.38
N TYR A 41 12.05 -11.90 -14.90
CA TYR A 41 10.85 -11.35 -14.34
C TYR A 41 10.02 -12.34 -13.51
N ARG A 42 9.83 -13.52 -14.13
CA ARG A 42 8.82 -14.48 -13.75
C ARG A 42 9.27 -15.90 -13.56
N LEU A 43 8.41 -16.70 -12.97
CA LEU A 43 8.51 -18.17 -12.81
C LEU A 43 7.40 -18.83 -13.60
N TYR A 44 7.76 -19.39 -14.75
CA TYR A 44 6.75 -20.01 -15.61
C TYR A 44 6.79 -21.51 -15.58
N PHE A 45 5.67 -22.16 -15.24
CA PHE A 45 5.63 -23.63 -15.36
C PHE A 45 4.52 -24.00 -16.37
N LYS A 46 4.76 -24.98 -17.22
CA LYS A 46 3.75 -25.39 -18.16
C LYS A 46 3.81 -26.85 -18.54
N SER A 47 2.65 -27.49 -18.48
CA SER A 47 2.57 -28.90 -18.82
C SER A 47 1.59 -29.13 -19.94
N MET A 48 2.02 -29.89 -20.92
CA MET A 48 1.23 -30.28 -22.08
C MET A 48 0.68 -31.70 -21.83
N GLU A 49 0.93 -32.18 -20.64
CA GLU A 49 0.39 -33.40 -20.05
C GLU A 49 -1.08 -33.28 -19.66
N ARG A 50 -1.64 -32.15 -19.93
CA ARG A 50 -3.06 -31.90 -19.73
C ARG A 50 -3.64 -31.21 -20.94
N ASP A 51 -4.91 -30.92 -20.92
CA ASP A 51 -5.66 -30.19 -21.90
C ASP A 51 -6.56 -29.15 -21.43
N PRO A 52 -6.90 -27.82 -21.44
CA PRO A 52 -6.06 -26.64 -21.88
C PRO A 52 -4.70 -26.86 -21.14
N PRO A 53 -3.66 -26.63 -22.06
CA PRO A 53 -2.35 -26.90 -21.35
C PRO A 53 -2.28 -26.22 -19.97
N PHE A 54 -1.62 -26.89 -18.96
CA PHE A 54 -1.53 -26.36 -17.61
C PHE A 54 -0.45 -25.30 -17.54
N VAL A 55 -0.82 -24.11 -17.08
CA VAL A 55 0.12 -23.00 -16.98
C VAL A 55 0.10 -22.33 -15.61
N LEU A 56 1.28 -22.11 -15.06
CA LEU A 56 1.46 -21.45 -13.79
C LEU A 56 2.47 -20.34 -14.06
N ASP A 57 1.98 -19.10 -14.01
CA ASP A 57 2.78 -17.93 -14.30
C ASP A 57 2.76 -17.03 -13.07
N ALA A 58 3.91 -16.87 -12.43
CA ALA A 58 3.98 -16.02 -11.24
C ALA A 58 5.18 -15.11 -11.33
N SER A 59 4.97 -13.82 -11.10
CA SER A 59 6.09 -12.88 -11.16
C SER A 59 7.03 -13.23 -10.01
N LEU A 60 8.32 -13.11 -10.25
CA LEU A 60 9.33 -13.42 -9.24
C LEU A 60 9.24 -12.52 -8.01
N GLY A 61 8.72 -11.31 -8.22
CA GLY A 61 8.59 -10.37 -7.13
C GLY A 61 7.72 -10.86 -5.99
N VAL A 62 6.85 -11.84 -6.22
CA VAL A 62 6.00 -12.33 -5.15
C VAL A 62 6.70 -13.37 -4.30
N ILE A 63 7.86 -13.84 -4.73
CA ILE A 63 8.56 -14.84 -3.95
C ILE A 63 9.26 -14.22 -2.73
N ASN A 64 8.94 -14.75 -1.56
CA ASN A 64 9.53 -14.30 -0.29
C ASN A 64 10.70 -15.21 0.06
N ARG A 65 10.45 -16.51 -0.05
CA ARG A 65 11.47 -17.49 0.27
C ARG A 65 11.47 -18.64 -0.74
N VAL A 66 12.63 -19.26 -0.85
CA VAL A 66 12.82 -20.45 -1.70
C VAL A 66 13.39 -21.54 -0.79
N GLU A 67 12.67 -22.61 -0.56
CA GLU A 67 13.19 -23.65 0.35
C GLU A 67 13.50 -24.93 -0.42
N LYS A 68 14.54 -25.64 0.07
CA LYS A 68 14.89 -26.94 -0.50
C LYS A 68 14.02 -27.94 0.25
N ILE A 69 13.28 -28.74 -0.52
CA ILE A 69 12.38 -29.73 0.03
C ILE A 69 12.97 -31.13 -0.12
N GLY A 70 13.10 -31.83 1.01
CA GLY A 70 13.67 -33.16 0.98
C GLY A 70 15.16 -33.13 0.67
N GLY A 71 15.80 -34.29 0.79
CA GLY A 71 17.22 -34.36 0.52
C GLY A 71 17.62 -35.71 -0.04
N ALA A 72 18.81 -36.18 0.34
CA ALA A 72 19.32 -37.47 -0.11
C ALA A 72 18.53 -38.60 0.54
N SER A 73 18.25 -38.45 1.83
CA SER A 73 17.49 -39.46 2.55
C SER A 73 16.03 -39.34 2.18
N SER A 74 15.73 -38.61 1.12
CA SER A 74 14.35 -38.47 0.68
C SER A 74 14.10 -39.58 -0.34
N ARG A 75 13.39 -40.60 0.12
CA ARG A 75 13.09 -41.75 -0.71
C ARG A 75 11.64 -41.84 -1.13
N GLY A 76 10.83 -40.86 -0.71
CA GLY A 76 9.44 -40.87 -1.08
C GLY A 76 9.29 -40.57 -2.56
N GLU A 77 8.07 -40.22 -2.95
CA GLU A 77 7.75 -39.87 -4.34
C GLU A 77 7.46 -38.37 -4.34
N ASN A 78 8.09 -37.62 -5.20
CA ASN A 78 7.87 -36.16 -5.27
C ASN A 78 8.29 -35.55 -3.96
N SER A 79 9.30 -36.17 -3.33
CA SER A 79 9.81 -35.62 -2.08
C SER A 79 11.04 -34.76 -2.19
N TYR A 80 11.69 -34.80 -3.33
CA TYR A 80 12.90 -34.02 -3.57
C TYR A 80 12.46 -32.85 -4.42
N GLY A 81 12.66 -31.63 -3.94
CA GLY A 81 12.24 -30.49 -4.73
C GLY A 81 12.40 -29.13 -4.09
N LEU A 82 11.60 -28.19 -4.57
CA LEU A 82 11.62 -26.82 -4.11
C LEU A 82 10.23 -26.33 -3.74
N GLU A 83 10.19 -25.28 -2.93
CA GLU A 83 8.95 -24.66 -2.51
C GLU A 83 9.18 -23.17 -2.43
N THR A 84 8.41 -22.40 -3.19
CA THR A 84 8.52 -20.94 -3.15
C THR A 84 7.37 -20.41 -2.33
N VAL A 85 7.69 -19.69 -1.27
CA VAL A 85 6.69 -19.07 -0.36
C VAL A 85 6.37 -17.69 -0.97
N CYS A 86 5.14 -17.44 -1.30
CA CYS A 86 4.77 -16.19 -1.97
C CYS A 86 4.09 -15.18 -1.10
N LYS A 87 4.04 -13.95 -1.62
CA LYS A 87 3.49 -12.76 -1.01
C LYS A 87 2.02 -12.65 -1.25
N ASP A 88 1.56 -13.31 -2.26
CA ASP A 88 0.18 -13.26 -2.75
C ASP A 88 -0.67 -14.42 -2.31
N ILE A 89 -0.46 -14.89 -1.06
CA ILE A 89 -1.44 -15.77 -0.48
C ILE A 89 -1.45 -17.11 -1.15
N ARG A 90 -0.20 -17.60 -1.24
CA ARG A 90 0.05 -18.97 -1.73
C ARG A 90 1.49 -19.41 -1.55
N ASN A 91 1.75 -20.70 -1.77
CA ASN A 91 3.09 -21.24 -1.78
C ASN A 91 3.06 -22.15 -3.01
N LEU A 92 4.17 -22.24 -3.72
CA LEU A 92 4.23 -23.08 -4.91
C LEU A 92 5.28 -24.15 -4.70
N ARG A 93 4.96 -25.40 -5.06
CA ARG A 93 5.96 -26.42 -4.88
C ARG A 93 6.10 -27.37 -6.07
N PHE A 94 7.36 -27.66 -6.37
CA PHE A 94 7.74 -28.50 -7.49
C PHE A 94 8.62 -29.64 -7.03
N ALA A 95 8.55 -30.77 -7.71
CA ALA A 95 9.37 -31.95 -7.43
C ALA A 95 10.37 -32.15 -8.57
N HIS A 96 11.58 -32.47 -8.21
CA HIS A 96 12.63 -32.66 -9.22
C HIS A 96 13.18 -34.08 -9.01
N LYS A 97 13.78 -34.62 -10.04
CA LYS A 97 14.42 -35.95 -9.90
C LYS A 97 15.88 -35.68 -9.52
N PRO A 98 16.40 -36.32 -8.47
CA PRO A 98 17.81 -36.06 -8.14
C PRO A 98 18.75 -36.25 -9.34
N GLU A 99 18.54 -37.33 -10.10
CA GLU A 99 19.40 -37.60 -11.24
C GLU A 99 19.18 -36.63 -12.39
N GLY A 100 18.10 -35.86 -12.33
CA GLY A 100 17.83 -34.89 -13.38
C GLY A 100 18.77 -33.69 -13.25
N ARG A 101 19.31 -33.52 -12.04
CA ARG A 101 20.24 -32.42 -11.76
C ARG A 101 19.75 -31.04 -12.23
N THR A 102 18.57 -30.63 -11.77
CA THR A 102 18.00 -29.35 -12.13
C THR A 102 17.65 -28.53 -10.90
N ARG A 103 17.38 -29.20 -9.79
CA ARG A 103 17.01 -28.50 -8.57
C ARG A 103 18.02 -27.43 -8.14
N ARG A 104 19.31 -27.75 -8.19
CA ARG A 104 20.31 -26.79 -7.76
C ARG A 104 20.29 -25.55 -8.64
N SER A 105 20.33 -25.77 -9.95
CA SER A 105 20.32 -24.67 -10.91
C SER A 105 19.08 -23.79 -10.74
N ILE A 106 17.92 -24.41 -10.60
CA ILE A 106 16.68 -23.67 -10.44
C ILE A 106 16.71 -22.90 -9.13
N PHE A 107 17.04 -23.57 -8.05
CA PHE A 107 17.12 -22.95 -6.74
C PHE A 107 18.02 -21.73 -6.79
N GLU A 108 19.17 -21.86 -7.45
CA GLU A 108 20.12 -20.75 -7.53
C GLU A 108 19.66 -19.60 -8.41
N ASN A 109 19.00 -19.93 -9.51
CA ASN A 109 18.51 -18.88 -10.40
C ASN A 109 17.29 -18.18 -9.80
N LEU A 110 16.48 -18.92 -9.04
CA LEU A 110 15.32 -18.32 -8.39
C LEU A 110 15.83 -17.33 -7.35
N MET A 111 16.77 -17.77 -6.53
CA MET A 111 17.35 -16.94 -5.49
C MET A 111 17.95 -15.68 -6.10
N LYS A 112 18.64 -15.85 -7.22
CA LYS A 112 19.28 -14.74 -7.90
C LYS A 112 18.32 -13.74 -8.55
N TYR A 113 17.37 -14.25 -9.33
CA TYR A 113 16.45 -13.35 -10.02
C TYR A 113 15.21 -12.89 -9.26
N ALA A 114 14.83 -13.58 -8.19
CA ALA A 114 13.69 -13.15 -7.39
C ALA A 114 14.21 -12.11 -6.40
N PHE A 115 15.50 -12.14 -6.11
CA PHE A 115 16.09 -11.19 -5.18
C PHE A 115 17.28 -10.47 -5.80
N PRO A 116 17.05 -9.80 -6.95
CA PRO A 116 18.11 -9.08 -7.64
C PRO A 116 18.85 -8.06 -6.76
N VAL A 117 18.10 -7.28 -5.97
CA VAL A 117 18.71 -6.28 -5.11
C VAL A 117 19.72 -6.92 -4.14
N SER A 118 19.43 -8.14 -3.71
CA SER A 118 20.35 -8.84 -2.81
C SER A 118 21.51 -9.46 -3.60
N ASN A 119 21.36 -9.51 -4.92
CA ASN A 119 22.39 -10.08 -5.77
C ASN A 119 23.03 -9.04 -6.67
N ASN A 120 22.94 -7.79 -6.25
CA ASN A 120 23.53 -6.69 -6.99
C ASN A 120 23.07 -6.68 -8.46
N LEU A 121 21.76 -6.88 -8.65
CA LEU A 121 21.16 -6.89 -9.98
C LEU A 121 20.02 -5.88 -10.05
N PRO A 122 19.56 -5.54 -11.26
CA PRO A 122 18.47 -4.58 -11.26
C PRO A 122 17.12 -5.25 -11.05
N LEU A 123 16.18 -4.45 -10.54
CA LEU A 123 14.75 -4.88 -10.48
C LEU A 123 14.23 -4.78 -11.94
N PHE A 124 13.38 -5.72 -12.29
CA PHE A 124 12.96 -5.88 -13.68
C PHE A 124 12.43 -4.60 -14.28
N ALA A 125 11.96 -3.71 -13.43
CA ALA A 125 11.37 -2.47 -13.90
C ALA A 125 12.33 -1.63 -14.74
N PHE A 126 13.61 -1.75 -14.44
CA PHE A 126 14.62 -0.99 -15.16
C PHE A 126 14.98 -1.62 -16.51
N GLU A 127 14.54 -2.84 -16.74
CA GLU A 127 14.84 -3.51 -17.99
C GLU A 127 13.59 -3.75 -18.81
N TYR A 128 12.45 -3.30 -18.29
CA TYR A 128 11.19 -3.45 -18.97
C TYR A 128 11.14 -2.28 -19.94
N LYS A 129 11.33 -2.55 -21.24
CA LYS A 129 11.33 -1.45 -22.20
C LYS A 129 10.14 -1.39 -23.10
N GLU A 130 9.00 -1.88 -22.61
CA GLU A 130 7.72 -1.77 -23.38
C GLU A 130 7.37 -0.28 -23.48
N VAL A 131 6.44 0.05 -24.38
CA VAL A 131 6.11 1.47 -24.62
C VAL A 131 4.59 1.60 -24.73
N PHE A 132 4.00 2.51 -23.99
CA PHE A 132 2.55 2.74 -24.05
C PHE A 132 2.24 4.15 -24.55
N PRO A 133 1.03 4.36 -25.09
CA PRO A 133 0.59 5.66 -25.61
C PRO A 133 0.56 6.76 -24.55
N GLU A 134 0.00 6.42 -23.38
CA GLU A 134 -0.10 7.34 -22.25
C GLU A 134 1.10 7.18 -21.33
N ASN A 135 1.50 8.25 -20.66
CA ASN A 135 2.63 8.21 -19.74
C ASN A 135 2.15 8.44 -18.31
N GLY A 136 1.99 7.35 -17.56
CA GLY A 136 1.53 7.43 -16.18
C GLY A 136 2.30 8.39 -15.29
N TRP A 137 3.56 8.63 -15.61
CA TRP A 137 4.41 9.52 -14.81
C TRP A 137 3.98 10.99 -14.85
N LYS A 138 3.18 11.36 -15.83
CA LYS A 138 2.74 12.76 -15.93
C LYS A 138 1.31 12.94 -15.45
N LEU A 139 0.74 11.86 -14.92
CA LEU A 139 -0.64 11.87 -14.43
C LEU A 139 -0.92 12.81 -13.26
N TYR A 140 -0.06 12.77 -12.24
CA TYR A 140 -0.24 13.59 -11.04
C TYR A 140 0.59 14.87 -11.01
N ASP A 141 -0.10 16.00 -10.83
CA ASP A 141 0.54 17.30 -10.76
C ASP A 141 0.12 17.97 -9.45
N PRO A 142 1.00 17.95 -8.44
CA PRO A 142 0.73 18.54 -7.13
C PRO A 142 0.01 19.87 -7.27
N LEU A 143 0.68 20.80 -7.92
CA LEU A 143 0.15 22.12 -8.14
C LEU A 143 -1.25 22.12 -8.75
N LEU A 144 -1.48 21.29 -9.76
CA LEU A 144 -2.79 21.23 -10.41
C LEU A 144 -3.85 20.59 -9.53
N GLU A 145 -3.47 19.55 -8.79
CA GLU A 145 -4.40 18.87 -7.88
C GLU A 145 -4.84 19.91 -6.85
N TYR A 146 -3.88 20.60 -6.25
CA TYR A 146 -4.15 21.63 -5.27
C TYR A 146 -5.07 22.66 -5.93
N ARG A 147 -4.73 23.04 -7.16
CA ARG A 147 -5.53 24.01 -7.88
C ARG A 147 -6.96 23.50 -8.01
N ARG A 148 -7.12 22.21 -8.30
CA ARG A 148 -8.44 21.61 -8.44
C ARG A 148 -9.25 21.79 -7.16
N GLN A 149 -8.55 21.78 -6.03
CA GLN A 149 -9.19 21.94 -4.72
C GLN A 149 -9.39 23.41 -4.39
N GLY A 150 -8.89 24.29 -5.27
CA GLY A 150 -9.10 25.70 -5.01
C GLY A 150 -8.01 26.20 -4.04
N ILE A 151 -6.88 25.50 -4.23
CA ILE A 151 -5.65 25.81 -3.54
C ILE A 151 -4.63 26.48 -4.33
N PRO A 152 -3.71 27.49 -4.06
CA PRO A 152 -3.77 28.43 -2.86
C PRO A 152 -4.92 29.40 -2.96
N ASN A 153 -5.44 29.72 -1.81
CA ASN A 153 -6.52 30.74 -1.66
C ASN A 153 -6.05 31.77 -0.68
N GLU A 154 -6.90 32.45 0.05
CA GLU A 154 -6.56 33.39 1.09
C GLU A 154 -6.07 32.75 2.36
N SER A 155 -6.67 31.61 2.71
CA SER A 155 -6.32 30.94 3.97
C SER A 155 -5.14 29.97 3.89
N TRP A 156 -4.90 29.43 2.70
CA TRP A 156 -3.80 28.48 2.51
C TRP A 156 -2.87 28.84 1.36
N ARG A 157 -1.57 28.87 1.66
CA ARG A 157 -0.56 29.19 0.65
C ARG A 157 0.27 27.95 0.37
N ILE A 158 1.12 28.05 -0.64
CA ILE A 158 2.01 26.97 -1.02
C ILE A 158 3.42 27.45 -0.75
N THR A 159 4.20 26.68 0.00
CA THR A 159 5.57 27.09 0.26
C THR A 159 6.50 26.21 -0.55
N LYS A 160 7.75 26.64 -0.71
CA LYS A 160 8.73 25.88 -1.48
C LYS A 160 9.92 25.53 -0.63
N ILE A 161 9.79 25.72 0.67
CA ILE A 161 10.83 25.45 1.64
C ILE A 161 11.35 24.01 1.65
N ASN A 162 10.63 23.09 1.03
CA ASN A 162 10.98 21.66 1.00
C ASN A 162 11.31 21.19 -0.39
N GLU A 163 11.40 22.14 -1.33
CA GLU A 163 11.80 21.82 -2.71
C GLU A 163 13.13 21.10 -2.80
N ARG A 164 14.07 21.42 -1.97
CA ARG A 164 15.34 20.66 -1.91
C ARG A 164 15.27 19.59 -0.83
N TYR A 165 14.05 19.29 -0.36
CA TYR A 165 13.77 18.29 0.67
C TYR A 165 14.51 18.53 1.98
N GLU A 166 14.83 19.80 2.24
CA GLU A 166 15.55 20.16 3.45
C GLU A 166 14.69 20.24 4.70
N LEU A 167 13.44 20.68 4.54
CA LEU A 167 12.53 20.78 5.69
C LEU A 167 12.21 19.36 6.17
N CYS A 168 11.80 18.52 5.24
CA CYS A 168 11.44 17.13 5.51
C CYS A 168 11.72 16.27 4.28
N ASP A 169 12.74 15.43 4.35
CA ASP A 169 13.14 14.59 3.24
C ASP A 169 12.22 13.42 2.91
N THR A 170 11.16 13.23 3.68
CA THR A 170 10.22 12.14 3.39
C THR A 170 8.87 12.73 3.00
N TYR A 171 8.88 14.03 2.72
CA TYR A 171 7.70 14.77 2.29
C TYR A 171 7.87 15.17 0.83
N PRO A 172 6.78 15.62 0.18
CA PRO A 172 6.89 16.04 -1.23
C PRO A 172 7.55 17.42 -1.34
N ALA A 173 7.99 17.78 -2.53
CA ALA A 173 8.65 19.08 -2.75
C ALA A 173 7.75 20.28 -2.42
N LEU A 174 6.47 20.20 -2.79
CA LEU A 174 5.54 21.29 -2.53
C LEU A 174 4.64 20.96 -1.33
N LEU A 175 4.49 21.94 -0.45
CA LEU A 175 3.66 21.78 0.74
C LEU A 175 2.68 22.93 0.90
N VAL A 176 1.47 22.61 1.36
CA VAL A 176 0.43 23.61 1.58
C VAL A 176 0.27 23.85 3.08
N VAL A 177 0.46 25.09 3.51
CA VAL A 177 0.36 25.45 4.92
C VAL A 177 -0.51 26.67 5.13
N PRO A 178 -0.84 26.99 6.40
CA PRO A 178 -1.68 28.16 6.68
C PRO A 178 -1.06 29.42 6.06
N ALA A 179 -1.89 30.14 5.30
CA ALA A 179 -1.46 31.35 4.62
C ALA A 179 -0.66 32.33 5.46
N ASN A 180 -0.81 32.30 6.78
CA ASN A 180 -0.07 33.24 7.61
C ASN A 180 1.10 32.67 8.41
N ILE A 181 1.52 31.46 8.09
CA ILE A 181 2.66 30.87 8.79
C ILE A 181 3.89 30.99 7.89
N PRO A 182 4.91 31.73 8.35
CA PRO A 182 6.16 31.95 7.61
C PRO A 182 7.05 30.71 7.55
N ASP A 183 7.88 30.63 6.51
CA ASP A 183 8.79 29.53 6.29
C ASP A 183 9.72 29.20 7.43
N GLU A 184 10.21 30.18 8.14
CA GLU A 184 11.07 29.98 9.29
C GLU A 184 10.40 29.45 10.51
N GLU A 185 9.11 29.78 10.65
CA GLU A 185 8.24 29.14 11.66
C GLU A 185 8.04 27.65 11.34
N LEU A 186 7.76 27.39 10.05
CA LEU A 186 7.59 25.97 9.64
C LEU A 186 8.90 25.22 10.00
N LYS A 187 10.01 25.86 9.64
CA LYS A 187 11.33 25.32 9.93
C LYS A 187 11.37 24.85 11.37
N ARG A 188 10.50 25.43 12.20
CA ARG A 188 10.46 25.09 13.61
C ARG A 188 9.49 24.00 14.00
N VAL A 189 8.26 24.06 13.50
CA VAL A 189 7.30 23.01 13.80
C VAL A 189 8.00 21.71 13.41
N ALA A 190 8.81 21.78 12.37
CA ALA A 190 9.55 20.62 11.87
C ALA A 190 10.48 20.03 12.93
N SER A 191 10.91 20.86 13.88
CA SER A 191 11.81 20.41 14.93
C SER A 191 11.05 19.68 16.03
N PHE A 192 9.75 19.99 16.15
CA PHE A 192 8.92 19.37 17.17
C PHE A 192 8.24 18.11 16.65
N ARG A 193 7.98 18.06 15.34
CA ARG A 193 7.33 16.89 14.75
C ARG A 193 8.34 15.82 14.36
N SER A 194 7.97 14.56 14.56
CA SER A 194 8.88 13.46 14.24
C SER A 194 9.30 13.43 12.76
N ARG A 195 10.60 13.25 12.52
CA ARG A 195 11.16 13.19 11.17
C ARG A 195 10.81 14.44 10.37
N GLY A 196 10.48 15.51 11.08
CA GLY A 196 10.15 16.76 10.43
C GLY A 196 8.94 16.67 9.54
N ARG A 197 8.03 15.74 9.84
CA ARG A 197 6.83 15.60 9.03
C ARG A 197 5.75 16.46 9.67
N ILE A 198 5.78 17.75 9.33
CA ILE A 198 4.82 18.72 9.87
C ILE A 198 3.40 18.62 9.32
N PRO A 199 2.43 19.23 10.02
CA PRO A 199 1.06 19.16 9.54
C PRO A 199 0.93 19.97 8.26
N VAL A 200 0.51 19.32 7.18
CA VAL A 200 0.34 20.02 5.91
C VAL A 200 -1.02 19.63 5.36
N LEU A 201 -1.49 20.36 4.36
CA LEU A 201 -2.78 20.08 3.80
C LEU A 201 -2.86 18.88 2.86
N SER A 202 -3.92 18.09 3.03
CA SER A 202 -4.18 16.91 2.20
C SER A 202 -5.45 17.19 1.41
N TRP A 203 -6.45 17.75 2.09
CA TRP A 203 -7.71 18.02 1.44
C TRP A 203 -8.46 19.15 2.13
N ILE A 204 -9.28 19.85 1.37
CA ILE A 204 -10.07 20.94 1.92
C ILE A 204 -11.49 20.83 1.39
N HIS A 205 -12.48 21.07 2.24
CA HIS A 205 -13.86 20.97 1.81
C HIS A 205 -14.11 22.09 0.80
N PRO A 206 -14.67 21.73 -0.36
CA PRO A 206 -14.88 22.84 -1.27
C PRO A 206 -15.71 23.96 -0.69
N GLU A 207 -16.68 23.61 0.15
CA GLU A 207 -17.63 24.57 0.65
C GLU A 207 -17.27 25.27 1.94
N SER A 208 -16.97 24.46 2.97
CA SER A 208 -16.85 24.89 4.36
C SER A 208 -15.46 25.31 4.72
N GLN A 209 -14.54 24.78 3.95
CA GLN A 209 -13.10 25.09 4.08
C GLN A 209 -12.59 24.49 5.36
N ALA A 210 -13.29 23.38 5.69
CA ALA A 210 -12.81 22.46 6.77
C ALA A 210 -11.70 21.56 6.17
N THR A 211 -10.65 21.27 6.94
CA THR A 211 -9.48 20.70 6.29
C THR A 211 -9.08 19.36 6.92
N ILE A 212 -8.39 18.62 6.07
CA ILE A 212 -7.67 17.40 6.50
C ILE A 212 -6.17 17.71 6.29
N THR A 213 -5.50 17.81 7.41
CA THR A 213 -4.03 17.97 7.38
C THR A 213 -3.40 16.66 7.90
N ARG A 214 -2.12 16.43 7.64
CA ARG A 214 -1.46 15.22 8.11
C ARG A 214 -0.06 15.49 8.63
N CYS A 215 0.37 14.68 9.58
CA CYS A 215 1.69 14.85 10.16
C CYS A 215 2.11 13.62 10.93
N SER A 216 3.22 13.74 11.65
CA SER A 216 3.76 12.67 12.46
C SER A 216 3.50 13.10 13.90
N GLN A 217 3.86 12.27 14.86
CA GLN A 217 3.63 12.58 16.25
C GLN A 217 4.46 13.75 16.76
N PRO A 218 3.98 14.42 17.82
CA PRO A 218 4.70 15.55 18.41
C PRO A 218 5.77 15.02 19.35
N MET A 219 6.97 15.58 19.25
CA MET A 219 8.07 15.14 20.10
C MET A 219 7.91 15.77 21.47
N VAL A 220 6.94 15.24 22.20
CA VAL A 220 6.62 15.71 23.55
C VAL A 220 7.53 15.08 24.58
N GLY A 221 7.74 13.78 24.47
CA GLY A 221 8.61 13.09 25.41
C GLY A 221 8.11 12.97 26.85
N VAL A 222 8.87 12.19 27.62
CA VAL A 222 8.57 11.93 29.02
C VAL A 222 8.25 13.22 29.77
N SER A 223 8.91 14.28 29.37
CA SER A 223 8.65 15.58 30.01
C SER A 223 7.87 16.42 28.97
N GLY A 224 6.71 16.86 29.36
CA GLY A 224 5.79 17.62 28.57
C GLY A 224 6.42 18.80 27.83
N LYS A 225 7.20 18.42 26.79
CA LYS A 225 7.82 19.50 25.98
C LYS A 225 6.73 20.08 25.07
N ARG A 226 6.75 21.35 24.85
CA ARG A 226 5.77 22.08 24.05
C ARG A 226 6.49 22.92 23.01
N SER A 227 5.75 23.26 21.99
CA SER A 227 6.25 24.12 20.91
C SER A 227 5.23 25.24 20.70
N LYS A 228 5.59 26.44 21.04
CA LYS A 228 4.65 27.57 20.87
C LYS A 228 4.20 27.64 19.42
N GLU A 229 5.13 27.44 18.53
CA GLU A 229 5.00 27.48 17.10
C GLU A 229 4.08 26.35 16.62
N ASP A 230 4.25 25.13 17.16
CA ASP A 230 3.37 24.05 16.72
C ASP A 230 1.95 24.38 17.20
N GLU A 231 1.84 24.86 18.44
CA GLU A 231 0.53 25.23 18.97
C GLU A 231 -0.08 26.34 18.12
N LYS A 232 0.74 27.31 17.74
CA LYS A 232 0.25 28.41 16.92
C LYS A 232 -0.19 27.85 15.58
N TYR A 233 0.57 26.89 15.07
CA TYR A 233 0.28 26.25 13.80
C TYR A 233 -1.11 25.62 13.78
N LEU A 234 -1.35 24.75 14.76
CA LEU A 234 -2.65 24.08 14.83
C LEU A 234 -3.75 25.13 15.02
N GLN A 235 -3.43 26.19 15.75
CA GLN A 235 -4.40 27.26 15.96
C GLN A 235 -4.69 27.90 14.61
N ALA A 236 -3.63 28.14 13.85
CA ALA A 236 -3.75 28.76 12.53
C ALA A 236 -4.67 27.92 11.65
N ILE A 237 -4.58 26.61 11.79
CA ILE A 237 -5.42 25.71 11.00
C ILE A 237 -6.88 25.94 11.36
N MET A 238 -7.16 26.11 12.65
CA MET A 238 -8.53 26.34 13.12
C MET A 238 -9.08 27.69 12.68
N ASP A 239 -8.23 28.72 12.78
CA ASP A 239 -8.63 30.08 12.40
C ASP A 239 -8.95 30.13 10.91
N SER A 240 -8.77 29.00 10.23
CA SER A 240 -9.02 28.91 8.79
C SER A 240 -10.42 28.44 8.44
N ASN A 241 -11.10 27.94 9.44
CA ASN A 241 -12.48 27.56 9.19
C ASN A 241 -13.40 28.76 9.48
N ALA A 242 -13.97 29.29 8.40
CA ALA A 242 -15.08 30.26 8.38
C ALA A 242 -16.21 29.95 9.32
N GLN A 243 -16.41 28.69 9.68
CA GLN A 243 -17.19 28.42 10.90
C GLN A 243 -16.34 27.84 11.99
N SER A 244 -15.40 28.67 12.47
CA SER A 244 -14.37 28.48 13.45
C SER A 244 -14.84 27.95 14.79
N HIS A 245 -15.02 26.65 14.71
CA HIS A 245 -15.46 25.74 15.79
C HIS A 245 -14.28 25.62 16.77
N LYS A 246 -13.19 25.03 16.34
CA LYS A 246 -12.25 24.23 17.22
C LYS A 246 -11.35 23.49 16.19
N ILE A 247 -10.61 22.49 16.60
CA ILE A 247 -9.96 21.46 15.88
C ILE A 247 -10.20 20.03 16.33
N PHE A 248 -10.04 19.00 15.45
CA PHE A 248 -10.09 17.60 15.92
C PHE A 248 -8.77 16.91 15.54
N ILE A 249 -8.08 16.28 16.46
CA ILE A 249 -6.83 15.59 16.16
C ILE A 249 -7.07 14.08 16.27
N PHE A 250 -6.98 13.37 15.16
CA PHE A 250 -7.15 11.93 15.19
C PHE A 250 -5.82 11.21 15.19
N ASP A 251 -5.50 10.63 16.34
CA ASP A 251 -4.28 9.87 16.52
C ASP A 251 -4.69 8.43 16.18
N ALA A 252 -4.14 7.88 15.09
CA ALA A 252 -4.53 6.51 14.65
C ALA A 252 -4.29 5.40 15.64
N ARG A 253 -3.37 5.67 16.57
CA ARG A 253 -2.92 4.76 17.56
C ARG A 253 -3.83 4.46 18.73
N PRO A 254 -3.53 3.13 19.16
CA PRO A 254 -4.31 2.89 20.45
C PRO A 254 -3.63 3.74 21.54
N SER A 255 -4.35 3.88 22.66
CA SER A 255 -4.00 4.79 23.76
C SER A 255 -2.67 4.44 24.35
N VAL A 256 -2.58 3.19 24.69
CA VAL A 256 -1.36 2.70 25.31
C VAL A 256 -0.16 2.83 24.38
N ASN A 257 -0.34 2.73 23.08
CA ASN A 257 0.79 2.87 22.18
C ASN A 257 1.25 4.33 22.16
N ALA A 258 0.27 5.24 22.13
CA ALA A 258 0.58 6.66 22.12
C ALA A 258 1.39 7.00 23.37
N VAL A 259 1.02 6.42 24.50
CA VAL A 259 1.75 6.66 25.74
C VAL A 259 3.14 6.02 25.72
N ALA A 260 3.22 4.81 25.18
CA ALA A 260 4.46 4.08 25.09
C ALA A 260 5.47 4.91 24.31
N ASN A 261 4.95 5.57 23.25
CA ASN A 261 5.76 6.41 22.38
C ASN A 261 6.25 7.63 23.12
N LYS A 262 5.38 8.15 23.99
CA LYS A 262 5.72 9.33 24.78
C LYS A 262 6.88 9.04 25.73
N ALA A 263 6.93 7.79 26.21
CA ALA A 263 8.05 7.38 27.09
C ALA A 263 9.39 7.51 26.34
N LYS A 264 9.34 7.09 25.11
CA LYS A 264 10.36 7.07 24.10
C LYS A 264 10.78 8.41 23.57
N GLY A 265 9.85 9.36 23.54
CA GLY A 265 10.24 10.72 23.11
C GLY A 265 9.21 11.36 22.27
N GLY A 266 8.27 10.52 21.89
CA GLY A 266 7.23 10.98 20.99
C GLY A 266 6.09 11.41 21.89
N GLY A 267 4.89 10.95 21.53
CA GLY A 267 3.73 11.30 22.32
C GLY A 267 2.57 11.84 21.51
N TYR A 268 1.70 12.58 22.18
CA TYR A 268 0.51 13.15 21.56
C TYR A 268 0.20 14.53 22.13
N GLU A 269 -0.69 15.26 21.47
CA GLU A 269 -1.08 16.59 21.90
C GLU A 269 -1.99 16.56 23.14
N SER A 270 -1.53 17.11 24.25
CA SER A 270 -2.34 17.10 25.47
C SER A 270 -3.46 18.14 25.40
N GLU A 271 -4.42 18.05 26.31
CA GLU A 271 -5.50 19.01 26.31
C GLU A 271 -5.10 20.33 26.94
N ASP A 272 -3.92 20.38 27.55
CA ASP A 272 -3.42 21.62 28.14
C ASP A 272 -2.64 22.39 27.07
N ALA A 273 -1.80 21.66 26.34
CA ALA A 273 -0.99 22.27 25.29
C ALA A 273 -1.82 22.76 24.12
N TYR A 274 -2.71 21.89 23.62
CA TYR A 274 -3.57 22.24 22.46
C TYR A 274 -5.01 22.30 22.91
N GLN A 275 -5.49 23.51 23.21
CA GLN A 275 -6.78 23.74 23.85
C GLN A 275 -7.95 23.62 22.91
N ASN A 276 -7.79 24.34 21.78
CA ASN A 276 -8.90 24.38 20.81
C ASN A 276 -8.84 23.14 19.97
N ALA A 277 -8.19 22.13 20.58
CA ALA A 277 -7.99 20.83 19.95
C ALA A 277 -8.57 19.66 20.76
N GLU A 278 -9.29 18.79 20.05
CA GLU A 278 -9.90 17.61 20.67
C GLU A 278 -9.19 16.38 20.10
N LEU A 279 -8.49 15.63 20.94
CA LEU A 279 -7.76 14.45 20.48
C LEU A 279 -8.56 13.16 20.67
N VAL A 280 -8.51 12.30 19.66
CA VAL A 280 -9.21 11.02 19.68
C VAL A 280 -8.24 9.93 19.22
N PHE A 281 -8.19 8.81 19.96
CA PHE A 281 -7.34 7.67 19.60
C PHE A 281 -8.18 6.68 18.79
N LEU A 282 -7.67 6.24 17.64
CA LEU A 282 -8.43 5.33 16.78
C LEU A 282 -8.19 3.84 16.97
N ASP A 283 -7.27 3.49 17.86
CA ASP A 283 -6.97 2.09 18.18
C ASP A 283 -6.52 1.20 17.02
N ILE A 284 -5.72 1.76 16.11
CA ILE A 284 -5.20 0.98 14.99
C ILE A 284 -3.77 0.58 15.33
N HIS A 285 -3.54 -0.73 15.44
CA HIS A 285 -2.25 -1.26 15.80
C HIS A 285 -1.14 -1.03 14.79
N ASN A 286 0.09 -1.26 15.23
CA ASN A 286 1.27 -1.04 14.39
C ASN A 286 1.53 -2.07 13.31
N ILE A 287 2.58 -1.81 12.53
CA ILE A 287 2.94 -2.67 11.42
C ILE A 287 3.19 -4.12 11.80
N HIS A 288 3.69 -4.34 13.02
CA HIS A 288 3.98 -5.68 13.47
C HIS A 288 2.71 -6.49 13.72
N VAL A 289 1.73 -5.87 14.33
CA VAL A 289 0.46 -6.54 14.58
C VAL A 289 -0.19 -6.90 13.24
N MET A 290 -0.18 -5.97 12.28
CA MET A 290 -0.81 -6.25 11.00
C MET A 290 -0.10 -7.37 10.23
N ARG A 291 1.23 -7.43 10.31
CA ARG A 291 1.98 -8.50 9.65
C ARG A 291 1.55 -9.85 10.21
N GLU A 292 1.48 -9.93 11.53
CA GLU A 292 1.09 -11.14 12.23
C GLU A 292 -0.35 -11.52 11.87
N SER A 293 -1.22 -10.54 11.68
CA SER A 293 -2.60 -10.83 11.35
C SER A 293 -2.69 -11.47 9.97
N LEU A 294 -2.01 -10.89 8.98
CA LEU A 294 -2.04 -11.46 7.63
C LEU A 294 -1.42 -12.86 7.64
N ARG A 295 -0.41 -13.07 8.47
CA ARG A 295 0.22 -14.38 8.53
C ARG A 295 -0.83 -15.41 8.94
N LYS A 296 -1.56 -15.12 10.00
CA LYS A 296 -2.62 -16.04 10.45
C LYS A 296 -3.68 -16.26 9.38
N LEU A 297 -4.03 -15.21 8.64
CA LEU A 297 -5.06 -15.35 7.59
C LEU A 297 -4.61 -16.33 6.49
N LYS A 298 -3.41 -16.14 5.97
CA LYS A 298 -2.88 -17.01 4.91
C LYS A 298 -2.99 -18.49 5.26
N GLU A 299 -2.82 -18.80 6.54
CA GLU A 299 -2.91 -20.19 7.00
C GLU A 299 -4.26 -20.85 6.91
N ILE A 300 -5.30 -20.13 7.28
CA ILE A 300 -6.63 -20.72 7.26
C ILE A 300 -7.27 -20.65 5.88
N VAL A 301 -6.63 -19.84 5.02
CA VAL A 301 -7.06 -19.67 3.64
C VAL A 301 -6.43 -20.61 2.68
N TYR A 302 -5.07 -20.59 2.66
CA TYR A 302 -4.22 -21.30 1.70
C TYR A 302 -4.02 -22.67 2.07
N PRO A 303 -3.68 -23.87 1.44
CA PRO A 303 -4.56 -24.68 0.53
C PRO A 303 -5.95 -24.92 0.92
N ASN A 304 -6.30 -25.36 2.04
CA ASN A 304 -7.70 -25.83 2.21
C ASN A 304 -8.33 -25.02 3.30
N ILE A 305 -9.39 -24.63 3.05
CA ILE A 305 -10.15 -24.00 4.11
C ILE A 305 -10.91 -25.03 4.93
N GLU A 306 -10.78 -24.93 6.24
CA GLU A 306 -11.51 -25.80 7.19
C GLU A 306 -12.84 -25.17 7.51
N GLU A 307 -13.82 -25.58 6.70
CA GLU A 307 -15.18 -25.13 6.67
C GLU A 307 -15.94 -25.15 7.96
N THR A 308 -15.77 -26.13 8.78
CA THR A 308 -16.45 -26.24 10.06
C THR A 308 -16.24 -24.96 10.87
N HIS A 309 -14.97 -24.50 10.82
CA HIS A 309 -14.62 -23.45 11.82
C HIS A 309 -14.21 -22.17 11.15
N TRP A 310 -14.59 -22.02 9.87
CA TRP A 310 -14.17 -20.82 9.12
C TRP A 310 -14.39 -19.53 9.95
N LEU A 311 -15.63 -19.26 10.32
CA LEU A 311 -15.95 -18.05 11.05
C LEU A 311 -15.10 -17.82 12.30
N SER A 312 -14.99 -18.82 13.16
CA SER A 312 -14.19 -18.66 14.36
C SER A 312 -12.70 -18.52 14.01
N ASN A 313 -12.26 -19.23 12.98
CA ASN A 313 -10.86 -19.13 12.58
C ASN A 313 -10.59 -17.74 12.02
N LEU A 314 -11.47 -17.26 11.17
CA LEU A 314 -11.32 -15.93 10.60
C LEU A 314 -11.21 -14.91 11.73
N GLU A 315 -12.07 -15.07 12.73
CA GLU A 315 -12.08 -14.18 13.88
C GLU A 315 -10.73 -14.16 14.59
N SER A 316 -10.12 -15.33 14.73
CA SER A 316 -8.85 -15.45 15.43
C SER A 316 -7.68 -14.74 14.73
N THR A 317 -7.79 -14.58 13.41
CA THR A 317 -6.75 -13.87 12.66
C THR A 317 -6.71 -12.38 13.06
N HIS A 318 -7.87 -11.81 13.22
CA HIS A 318 -8.20 -10.44 13.57
C HIS A 318 -7.99 -9.53 12.36
N TRP A 319 -8.02 -10.17 11.18
CA TRP A 319 -7.92 -9.41 9.94
C TRP A 319 -9.04 -8.44 9.70
N LEU A 320 -10.25 -8.96 9.59
CA LEU A 320 -11.41 -8.14 9.30
C LEU A 320 -11.63 -7.06 10.35
N GLU A 321 -11.07 -7.29 11.52
CA GLU A 321 -11.19 -6.35 12.61
C GLU A 321 -10.26 -5.15 12.42
N HIS A 322 -9.05 -5.42 11.92
CA HIS A 322 -8.12 -4.34 11.67
C HIS A 322 -8.74 -3.53 10.54
N ILE A 323 -9.29 -4.22 9.55
CA ILE A 323 -9.94 -3.54 8.42
C ILE A 323 -11.07 -2.68 8.94
N LYS A 324 -11.80 -3.19 9.92
CA LYS A 324 -12.92 -2.43 10.46
C LYS A 324 -12.47 -1.18 11.20
N LEU A 325 -11.44 -1.31 12.02
CA LEU A 325 -10.97 -0.14 12.76
C LEU A 325 -10.40 0.92 11.83
N ILE A 326 -9.77 0.48 10.73
CA ILE A 326 -9.21 1.45 9.79
C ILE A 326 -10.32 2.23 9.09
N LEU A 327 -11.36 1.52 8.64
CA LEU A 327 -12.49 2.16 7.98
C LEU A 327 -13.30 3.02 8.95
N ALA A 328 -13.47 2.52 10.17
CA ALA A 328 -14.22 3.24 11.20
C ALA A 328 -13.48 4.55 11.47
N GLY A 329 -12.15 4.48 11.48
CA GLY A 329 -11.34 5.66 11.71
C GLY A 329 -11.50 6.66 10.58
N ALA A 330 -11.41 6.19 9.34
CA ALA A 330 -11.57 7.05 8.18
C ALA A 330 -12.97 7.68 8.21
N LEU A 331 -13.96 6.90 8.61
CA LEU A 331 -15.32 7.39 8.71
C LEU A 331 -15.43 8.55 9.69
N ARG A 332 -14.87 8.36 10.88
CA ARG A 332 -14.95 9.41 11.89
C ARG A 332 -14.34 10.70 11.35
N ILE A 333 -13.26 10.58 10.60
CA ILE A 333 -12.64 11.77 10.05
C ILE A 333 -13.56 12.41 9.01
N ALA A 334 -14.06 11.62 8.07
CA ALA A 334 -14.94 12.12 7.02
C ALA A 334 -16.15 12.83 7.61
N ASP A 335 -16.78 12.21 8.59
CA ASP A 335 -17.97 12.77 9.22
C ASP A 335 -17.69 14.10 9.91
N LYS A 336 -16.58 14.16 10.63
CA LYS A 336 -16.21 15.37 11.35
C LYS A 336 -16.02 16.55 10.39
N VAL A 337 -15.53 16.26 9.20
CA VAL A 337 -15.28 17.28 8.18
C VAL A 337 -16.57 17.67 7.47
N GLU A 338 -17.23 16.66 6.92
CA GLU A 338 -18.46 16.86 6.20
C GLU A 338 -19.61 17.38 7.04
N SER A 339 -19.98 16.66 8.07
CA SER A 339 -21.15 16.97 8.86
C SER A 339 -20.84 17.92 9.99
N GLY A 340 -19.64 17.75 10.54
CA GLY A 340 -19.20 18.63 11.61
C GLY A 340 -18.63 19.97 11.16
N LYS A 341 -18.36 20.15 9.87
CA LYS A 341 -17.75 21.39 9.37
C LYS A 341 -16.47 21.66 10.15
N THR A 342 -15.85 20.60 10.67
CA THR A 342 -14.64 20.75 11.47
C THR A 342 -13.36 20.25 10.83
N SER A 343 -12.29 21.02 10.99
CA SER A 343 -10.99 20.66 10.45
C SER A 343 -10.33 19.60 11.32
N VAL A 344 -9.67 18.65 10.68
CA VAL A 344 -9.02 17.56 11.41
C VAL A 344 -7.55 17.36 11.07
N VAL A 345 -6.75 17.08 12.09
CA VAL A 345 -5.33 16.83 11.91
C VAL A 345 -5.16 15.32 12.10
N VAL A 346 -4.53 14.68 11.12
CA VAL A 346 -4.41 13.21 11.21
C VAL A 346 -2.94 12.88 11.41
N HIS A 347 -2.69 12.00 12.42
CA HIS A 347 -1.29 11.53 12.47
C HIS A 347 -1.25 10.13 13.01
N SER A 348 -0.07 9.59 13.27
CA SER A 348 0.18 8.32 13.92
C SER A 348 1.37 8.32 14.82
N SER A 349 2.45 7.58 14.49
CA SER A 349 3.77 7.80 15.09
C SER A 349 4.63 8.58 14.10
N ASP A 350 4.92 7.88 12.95
CA ASP A 350 5.73 8.49 11.89
C ASP A 350 4.90 9.24 10.86
N GLY A 351 3.61 8.95 10.80
CA GLY A 351 2.72 9.60 9.87
C GLY A 351 2.70 9.16 8.44
N TRP A 352 3.37 8.09 8.06
CA TRP A 352 3.41 7.53 6.73
C TRP A 352 2.41 6.44 6.45
N ASP A 353 2.25 5.54 7.43
CA ASP A 353 1.55 4.28 7.37
C ASP A 353 0.07 4.32 7.61
N ARG A 354 -0.34 4.36 8.94
CA ARG A 354 -1.72 4.44 9.36
C ARG A 354 -2.31 5.75 8.91
N THR A 355 -1.48 6.79 9.03
CA THR A 355 -1.91 8.12 8.61
C THR A 355 -2.27 8.14 7.13
N ALA A 356 -1.48 7.47 6.30
CA ALA A 356 -1.75 7.41 4.86
C ALA A 356 -3.04 6.63 4.59
N GLN A 357 -3.31 5.63 5.42
CA GLN A 357 -4.53 4.84 5.27
C GLN A 357 -5.76 5.69 5.54
N LEU A 358 -5.72 6.43 6.65
CA LEU A 358 -6.83 7.29 7.08
C LEU A 358 -7.14 8.46 6.17
N THR A 359 -6.14 9.27 5.83
CA THR A 359 -6.38 10.42 4.97
C THR A 359 -6.96 9.97 3.64
N SER A 360 -6.30 9.01 2.99
CA SER A 360 -6.77 8.59 1.69
C SER A 360 -8.18 7.98 1.69
N LEU A 361 -8.54 7.21 2.72
CA LEU A 361 -9.88 6.63 2.75
C LEU A 361 -10.94 7.69 3.02
N ALA A 362 -10.63 8.61 3.92
CA ALA A 362 -11.57 9.69 4.24
C ALA A 362 -11.77 10.51 2.97
N MET A 363 -10.67 10.77 2.29
CA MET A 363 -10.70 11.54 1.06
C MET A 363 -11.54 10.86 0.00
N LEU A 364 -11.54 9.52 0.03
CA LEU A 364 -12.31 8.74 -0.92
C LEU A 364 -13.79 8.83 -0.61
N MET A 365 -14.10 9.02 0.65
CA MET A 365 -15.49 9.13 1.09
C MET A 365 -16.02 10.51 0.76
N LEU A 366 -15.17 11.51 0.88
CA LEU A 366 -15.55 12.90 0.66
C LEU A 366 -15.49 13.47 -0.75
N ASP A 367 -14.49 13.07 -1.52
CA ASP A 367 -14.31 13.60 -2.88
C ASP A 367 -14.53 12.59 -4.00
N GLY A 368 -15.57 12.82 -4.80
CA GLY A 368 -15.88 11.93 -5.90
C GLY A 368 -14.78 11.86 -6.93
N TYR A 369 -13.98 12.92 -7.02
CA TYR A 369 -12.88 12.93 -7.98
C TYR A 369 -11.96 11.72 -7.78
N TYR A 370 -11.65 11.44 -6.53
CA TYR A 370 -10.77 10.34 -6.18
C TYR A 370 -11.34 8.97 -6.54
N ARG A 371 -12.63 8.89 -6.88
CA ARG A 371 -13.24 7.62 -7.25
C ARG A 371 -13.15 7.30 -8.72
N THR A 372 -12.70 8.26 -9.52
CA THR A 372 -12.55 8.00 -10.95
C THR A 372 -11.27 7.18 -11.05
N ILE A 373 -11.15 6.36 -12.08
CA ILE A 373 -9.97 5.54 -12.24
C ILE A 373 -8.74 6.42 -12.12
N ARG A 374 -8.72 7.50 -12.88
CA ARG A 374 -7.61 8.43 -12.87
C ARG A 374 -7.47 9.18 -11.56
N GLY A 375 -8.60 9.52 -10.94
CA GLY A 375 -8.55 10.21 -9.67
C GLY A 375 -7.89 9.33 -8.62
N PHE A 376 -8.23 8.05 -8.63
CA PHE A 376 -7.67 7.08 -7.69
C PHE A 376 -6.15 7.00 -7.84
N GLU A 377 -5.69 6.97 -9.09
CA GLU A 377 -4.26 6.90 -9.36
C GLU A 377 -3.57 8.11 -8.73
N VAL A 378 -4.22 9.27 -8.81
CA VAL A 378 -3.66 10.49 -8.24
C VAL A 378 -3.60 10.37 -6.72
N LEU A 379 -4.68 9.87 -6.13
CA LEU A 379 -4.74 9.69 -4.68
C LEU A 379 -3.52 8.88 -4.23
N VAL A 380 -3.23 7.81 -4.95
CA VAL A 380 -2.11 6.94 -4.64
C VAL A 380 -0.78 7.68 -4.80
N GLU A 381 -0.62 8.36 -5.93
CA GLU A 381 0.57 9.11 -6.15
C GLU A 381 0.80 10.16 -5.08
N LYS A 382 -0.27 10.77 -4.61
CA LYS A 382 -0.31 11.84 -3.66
C LYS A 382 -0.04 11.47 -2.23
N GLU A 383 -1.00 10.69 -1.69
CA GLU A 383 -1.12 10.33 -0.30
C GLU A 383 -0.17 9.26 0.07
N TRP A 384 0.10 8.43 -0.92
CA TRP A 384 1.00 7.32 -0.66
C TRP A 384 2.42 7.52 -1.14
N LEU A 385 2.62 7.72 -2.44
CA LEU A 385 3.96 7.91 -2.97
C LEU A 385 4.60 9.24 -2.56
N SER A 386 3.98 10.35 -2.95
CA SER A 386 4.55 11.66 -2.63
C SER A 386 4.75 11.90 -1.14
N PHE A 387 3.85 11.36 -0.31
CA PHE A 387 3.98 11.54 1.13
C PHE A 387 4.86 10.58 1.87
N GLY A 388 5.57 9.70 1.15
CA GLY A 388 6.60 8.92 1.78
C GLY A 388 6.21 7.64 2.42
N HIS A 389 5.11 7.02 1.98
CA HIS A 389 4.90 5.63 2.49
C HIS A 389 6.13 4.83 1.98
N ARG A 390 6.80 4.10 2.87
CA ARG A 390 7.99 3.34 2.53
C ARG A 390 7.74 2.01 1.84
N PHE A 391 7.24 2.09 0.61
CA PHE A 391 6.92 0.90 -0.19
C PHE A 391 8.02 -0.15 -0.30
N GLN A 392 9.20 0.28 -0.76
CA GLN A 392 10.31 -0.66 -0.93
C GLN A 392 10.60 -1.42 0.35
N LEU A 393 10.50 -0.71 1.47
CA LEU A 393 10.77 -1.31 2.76
C LEU A 393 9.66 -2.22 3.27
N ARG A 394 8.43 -1.77 3.11
CA ARG A 394 7.26 -2.52 3.55
C ARG A 394 7.02 -3.79 2.73
N VAL A 395 7.51 -3.79 1.49
CA VAL A 395 7.34 -4.96 0.63
C VAL A 395 8.60 -5.82 0.57
N GLY A 396 9.76 -5.17 0.62
CA GLY A 396 11.03 -5.89 0.55
C GLY A 396 11.41 -6.25 -0.87
N HIS A 397 11.24 -5.30 -1.79
CA HIS A 397 11.55 -5.55 -3.20
C HIS A 397 12.92 -6.19 -3.46
N GLY A 398 12.91 -7.31 -4.17
CA GLY A 398 14.13 -8.03 -4.53
C GLY A 398 15.15 -8.23 -3.43
N ASP A 399 14.66 -8.32 -2.19
CA ASP A 399 15.51 -8.50 -1.01
C ASP A 399 15.24 -9.88 -0.43
N LYS A 400 16.29 -10.65 -0.24
CA LYS A 400 16.14 -12.02 0.28
C LYS A 400 15.82 -12.15 1.78
N ASN A 401 15.89 -11.06 2.53
CA ASN A 401 15.61 -11.14 3.96
C ASN A 401 14.12 -11.10 4.31
N HIS A 402 13.47 -12.25 4.12
CA HIS A 402 12.05 -12.46 4.37
C HIS A 402 11.58 -12.23 5.80
N ALA A 403 12.52 -12.21 6.74
CA ALA A 403 12.15 -12.02 8.13
C ALA A 403 12.27 -10.56 8.58
N ASP A 404 12.48 -9.64 7.63
CA ASP A 404 12.60 -8.21 7.96
C ASP A 404 11.36 -7.72 8.71
N ALA A 405 11.56 -7.14 9.88
CA ALA A 405 10.44 -6.64 10.68
C ALA A 405 9.79 -5.41 10.10
N ASP A 406 10.41 -4.83 9.06
CA ASP A 406 9.87 -3.64 8.41
C ASP A 406 8.77 -4.01 7.41
N ARG A 407 8.66 -5.30 7.08
CA ARG A 407 7.64 -5.72 6.14
C ARG A 407 6.26 -5.77 6.80
N SER A 408 5.29 -5.11 6.16
CA SER A 408 3.93 -5.06 6.68
C SER A 408 2.98 -4.73 5.52
N PRO A 409 1.80 -5.35 5.49
CA PRO A 409 0.81 -5.13 4.43
C PRO A 409 -0.06 -3.88 4.63
N VAL A 410 0.57 -2.73 4.84
CA VAL A 410 -0.16 -1.48 5.06
C VAL A 410 -0.98 -1.06 3.85
N PHE A 411 -0.36 -1.04 2.67
CA PHE A 411 -1.04 -0.64 1.44
C PHE A 411 -2.09 -1.68 1.04
N LEU A 412 -1.80 -2.95 1.31
CA LEU A 412 -2.75 -4.01 1.00
C LEU A 412 -4.03 -3.77 1.80
N GLN A 413 -3.89 -3.46 3.09
CA GLN A 413 -5.05 -3.18 3.95
C GLN A 413 -5.87 -2.05 3.34
N PHE A 414 -5.17 -0.99 2.93
CA PHE A 414 -5.83 0.15 2.32
C PHE A 414 -6.68 -0.30 1.12
N ILE A 415 -6.06 -1.01 0.19
CA ILE A 415 -6.75 -1.47 -1.01
C ILE A 415 -7.93 -2.38 -0.60
N ASP A 416 -7.73 -3.18 0.44
CA ASP A 416 -8.77 -4.07 0.95
C ASP A 416 -9.96 -3.19 1.40
N CYS A 417 -9.66 -2.11 2.12
CA CYS A 417 -10.70 -1.18 2.58
C CYS A 417 -11.38 -0.50 1.40
N VAL A 418 -10.61 -0.23 0.34
CA VAL A 418 -11.20 0.41 -0.82
C VAL A 418 -12.17 -0.59 -1.43
N TRP A 419 -11.74 -1.84 -1.54
CA TRP A 419 -12.60 -2.87 -2.11
C TRP A 419 -13.91 -2.96 -1.33
N GLN A 420 -13.82 -2.94 -0.01
CA GLN A 420 -15.02 -3.03 0.84
C GLN A 420 -16.03 -1.96 0.43
N MET A 421 -15.53 -0.75 0.14
CA MET A 421 -16.45 0.32 -0.24
C MET A 421 -17.05 0.08 -1.62
N THR A 422 -16.31 -0.56 -2.52
CA THR A 422 -16.88 -0.83 -3.84
C THR A 422 -18.01 -1.84 -3.68
N ARG A 423 -17.86 -2.77 -2.74
CA ARG A 423 -18.91 -3.75 -2.50
C ARG A 423 -20.15 -3.04 -1.97
N GLN A 424 -19.95 -2.16 -1.00
CA GLN A 424 -21.05 -1.44 -0.40
C GLN A 424 -21.69 -0.40 -1.31
N PHE A 425 -20.94 0.10 -2.30
CA PHE A 425 -21.41 1.11 -3.27
C PHE A 425 -20.84 0.81 -4.69
N PRO A 426 -21.68 -0.24 -5.17
CA PRO A 426 -21.28 -0.70 -6.56
C PRO A 426 -21.35 0.27 -7.68
N THR A 427 -21.88 1.44 -7.58
CA THR A 427 -21.93 2.40 -8.72
C THR A 427 -21.06 3.65 -8.46
N ALA A 428 -20.54 3.74 -7.24
CA ALA A 428 -19.77 4.90 -6.82
C ALA A 428 -18.35 4.98 -7.38
N PHE A 429 -17.81 3.86 -7.85
CA PHE A 429 -16.45 3.85 -8.37
C PHE A 429 -16.35 3.54 -9.86
N GLU A 430 -15.51 4.30 -10.57
CA GLU A 430 -15.34 4.08 -12.00
C GLU A 430 -14.48 2.84 -12.24
N PHE A 431 -13.60 2.51 -11.30
CA PHE A 431 -12.75 1.33 -11.46
C PHE A 431 -13.44 0.07 -10.92
N ASN A 432 -12.93 -1.09 -11.33
CA ASN A 432 -13.49 -2.35 -10.89
C ASN A 432 -12.52 -3.15 -10.00
N GLU A 433 -12.98 -4.32 -9.54
CA GLU A 433 -12.17 -5.18 -8.67
C GLU A 433 -10.84 -5.52 -9.36
N TYR A 434 -10.93 -5.91 -10.63
CA TYR A 434 -9.77 -6.26 -11.42
C TYR A 434 -8.69 -5.20 -11.28
N PHE A 435 -9.13 -3.93 -11.29
CA PHE A 435 -8.24 -2.78 -11.15
C PHE A 435 -7.47 -2.84 -9.83
N LEU A 436 -8.19 -3.10 -8.75
CA LEU A 436 -7.56 -3.18 -7.43
C LEU A 436 -6.61 -4.38 -7.32
N ILE A 437 -7.05 -5.54 -7.81
CA ILE A 437 -6.23 -6.74 -7.77
C ILE A 437 -4.98 -6.57 -8.63
N THR A 438 -5.14 -5.87 -9.76
CA THR A 438 -4.02 -5.62 -10.66
C THR A 438 -3.01 -4.76 -9.93
N ILE A 439 -3.52 -3.78 -9.20
CA ILE A 439 -2.66 -2.90 -8.43
C ILE A 439 -1.87 -3.71 -7.41
N LEU A 440 -2.53 -4.65 -6.77
CA LEU A 440 -1.87 -5.46 -5.75
C LEU A 440 -0.84 -6.42 -6.36
N ASP A 441 -1.08 -6.85 -7.58
CA ASP A 441 -0.14 -7.76 -8.23
C ASP A 441 1.13 -7.03 -8.60
N HIS A 442 0.99 -5.82 -9.13
CA HIS A 442 2.17 -5.05 -9.52
C HIS A 442 2.86 -4.38 -8.34
N LEU A 443 2.17 -4.36 -7.21
CA LEU A 443 2.75 -3.80 -6.00
C LEU A 443 3.98 -4.68 -5.71
N TYR A 444 3.83 -5.98 -5.98
CA TYR A 444 4.91 -6.95 -5.77
C TYR A 444 5.75 -7.29 -7.01
N SER A 445 5.15 -7.24 -8.19
CA SER A 445 5.82 -7.58 -9.42
C SER A 445 7.11 -6.82 -9.68
N CYS A 446 7.11 -5.54 -9.39
CA CYS A 446 8.25 -4.67 -9.70
C CYS A 446 8.47 -4.64 -11.19
N LEU A 447 7.34 -4.78 -11.92
CA LEU A 447 7.41 -4.61 -13.39
C LEU A 447 7.50 -3.10 -13.70
N PHE A 448 6.76 -2.32 -12.93
CA PHE A 448 6.74 -0.88 -13.09
C PHE A 448 7.52 -0.23 -11.96
N GLY A 449 7.85 1.04 -12.11
CA GLY A 449 8.60 1.72 -11.06
C GLY A 449 7.69 2.47 -10.11
N THR A 450 6.38 2.38 -10.35
CA THR A 450 5.40 3.07 -9.53
C THR A 450 5.51 2.82 -8.02
N PHE A 451 5.74 1.58 -7.62
CA PHE A 451 5.85 1.29 -6.17
C PHE A 451 7.25 1.01 -5.65
N LEU A 452 8.25 1.55 -6.28
CA LEU A 452 9.65 1.38 -5.87
C LEU A 452 10.05 2.54 -4.98
N CYS A 453 11.19 2.42 -4.34
CA CYS A 453 11.73 3.42 -3.42
C CYS A 453 10.79 3.80 -2.32
N ASN A 454 11.19 4.70 -1.44
CA ASN A 454 10.56 4.92 -0.14
C ASN A 454 10.15 6.36 0.04
N SER A 455 10.57 7.23 -0.87
CA SER A 455 10.18 8.62 -0.78
C SER A 455 10.21 9.30 -2.14
N GLU A 456 9.58 10.46 -2.23
CA GLU A 456 9.56 11.21 -3.48
C GLU A 456 11.01 11.56 -3.84
N GLN A 457 11.75 12.06 -2.86
CA GLN A 457 13.14 12.43 -3.08
C GLN A 457 13.90 11.31 -3.76
N GLN A 458 13.88 10.12 -3.15
CA GLN A 458 14.57 8.95 -3.70
C GLN A 458 14.18 8.63 -5.14
N ARG A 459 12.89 8.67 -5.44
CA ARG A 459 12.44 8.37 -6.80
C ARG A 459 12.94 9.41 -7.80
N GLY A 460 13.19 10.62 -7.31
CA GLY A 460 13.70 11.68 -8.16
C GLY A 460 15.17 11.39 -8.46
N LYS A 461 15.94 11.14 -7.41
CA LYS A 461 17.36 10.85 -7.54
C LYS A 461 17.60 9.61 -8.39
N GLU A 462 16.66 8.67 -8.37
CA GLU A 462 16.71 7.42 -9.15
C GLU A 462 16.15 7.61 -10.55
N ASN A 463 15.40 8.72 -10.67
CA ASN A 463 14.93 9.11 -12.02
C ASN A 463 14.12 8.00 -12.60
N LEU A 464 13.11 7.67 -11.75
CA LEU A 464 12.15 6.61 -12.17
C LEU A 464 11.34 6.95 -13.38
N PRO A 465 10.86 8.20 -13.48
CA PRO A 465 10.02 8.59 -14.62
C PRO A 465 10.70 8.31 -15.95
N LYS A 466 12.03 8.38 -15.96
CA LYS A 466 12.81 8.17 -17.17
C LYS A 466 13.40 6.77 -17.32
N ARG A 467 13.58 6.06 -16.21
CA ARG A 467 14.17 4.74 -16.26
C ARG A 467 13.19 3.57 -16.16
N THR A 468 11.96 3.84 -15.74
CA THR A 468 10.96 2.78 -15.59
C THR A 468 9.62 3.22 -16.13
N VAL A 469 8.74 2.24 -16.32
CA VAL A 469 7.40 2.50 -16.82
C VAL A 469 6.44 2.63 -15.64
N SER A 470 5.49 3.56 -15.75
CA SER A 470 4.51 3.79 -14.72
C SER A 470 3.39 2.78 -14.91
N LEU A 471 2.91 2.20 -13.81
CA LEU A 471 1.83 1.22 -13.85
C LEU A 471 0.64 1.85 -14.55
N TRP A 472 0.43 3.14 -14.30
CA TRP A 472 -0.68 3.85 -14.90
C TRP A 472 -0.58 3.86 -16.43
N SER A 473 0.64 3.84 -16.96
CA SER A 473 0.82 3.81 -18.41
C SER A 473 0.15 2.57 -18.98
N TYR A 474 0.36 1.44 -18.31
CA TYR A 474 -0.24 0.18 -18.74
C TYR A 474 -1.74 0.19 -18.54
N ILE A 475 -2.17 0.56 -17.33
CA ILE A 475 -3.58 0.59 -16.99
C ILE A 475 -4.44 1.51 -17.86
N ASN A 476 -4.07 2.78 -17.98
CA ASN A 476 -4.79 3.77 -18.74
C ASN A 476 -4.80 3.63 -20.23
N SER A 477 -3.82 2.96 -20.79
CA SER A 477 -3.84 2.54 -22.23
C SER A 477 -4.59 1.25 -22.36
N GLN A 478 -5.65 1.10 -21.54
CA GLN A 478 -6.42 -0.09 -21.39
C GLN A 478 -7.76 0.02 -20.74
N LEU A 479 -8.03 1.06 -19.97
CA LEU A 479 -9.21 1.49 -19.31
C LEU A 479 -10.39 0.58 -19.31
N GLU A 480 -10.89 0.12 -20.41
CA GLU A 480 -11.83 -0.96 -20.61
C GLU A 480 -11.63 -2.11 -19.59
N ASP A 481 -10.50 -2.74 -19.41
CA ASP A 481 -10.36 -3.95 -18.56
C ASP A 481 -10.62 -3.58 -17.13
N PHE A 482 -10.38 -2.30 -16.85
CA PHE A 482 -10.49 -1.79 -15.49
C PHE A 482 -11.68 -0.89 -15.22
N THR A 483 -12.58 -0.76 -16.18
CA THR A 483 -13.75 0.10 -15.99
C THR A 483 -14.97 -0.62 -15.44
N ASN A 484 -15.68 0.06 -14.56
CA ASN A 484 -16.89 -0.49 -13.95
C ASN A 484 -18.07 0.11 -14.72
N PRO A 485 -18.85 -0.74 -15.42
CA PRO A 485 -20.00 -0.33 -16.21
C PRO A 485 -21.15 0.36 -15.49
N LEU A 486 -21.31 0.08 -14.19
CA LEU A 486 -22.39 0.69 -13.41
C LEU A 486 -22.08 2.10 -12.95
N TYR A 487 -20.87 2.57 -13.22
CA TYR A 487 -20.47 3.89 -12.75
C TYR A 487 -21.11 5.11 -13.38
N GLY A 488 -21.10 6.18 -12.60
CA GLY A 488 -21.64 7.45 -13.03
C GLY A 488 -22.80 7.92 -12.19
N SER A 489 -23.59 7.01 -11.64
CA SER A 489 -24.76 7.38 -10.88
C SER A 489 -24.61 7.83 -9.46
N TYR A 490 -23.42 7.76 -8.86
CA TYR A 490 -23.37 8.23 -7.44
C TYR A 490 -23.34 9.72 -7.31
N SER A 491 -24.51 10.29 -7.66
CA SER A 491 -24.77 11.73 -7.58
C SER A 491 -24.64 12.16 -6.10
N ASN A 492 -25.18 11.30 -5.18
CA ASN A 492 -25.01 11.53 -3.72
C ASN A 492 -23.52 11.29 -3.42
N HIS A 493 -22.84 12.42 -3.17
CA HIS A 493 -21.43 12.58 -3.19
C HIS A 493 -20.62 12.24 -1.99
N VAL A 494 -21.26 11.94 -0.85
CA VAL A 494 -20.40 11.55 0.30
C VAL A 494 -20.63 10.10 0.65
N LEU A 495 -19.67 9.23 0.39
CA LEU A 495 -19.80 7.81 0.73
C LEU A 495 -19.62 7.57 2.22
N TYR A 496 -20.54 6.83 2.80
CA TYR A 496 -20.49 6.50 4.21
C TYR A 496 -20.66 5.00 4.41
N PRO A 497 -19.60 4.21 4.20
CA PRO A 497 -19.74 2.77 4.39
C PRO A 497 -20.01 2.48 5.85
N VAL A 498 -20.37 1.23 6.14
CA VAL A 498 -20.65 0.82 7.50
C VAL A 498 -19.48 -0.05 7.94
N ALA A 499 -18.78 0.38 8.99
CA ALA A 499 -17.63 -0.38 9.48
C ALA A 499 -18.13 -1.33 10.56
N SER A 500 -18.58 -2.49 10.13
CA SER A 500 -19.10 -3.50 11.05
C SER A 500 -18.68 -4.89 10.63
N MET A 501 -18.59 -5.79 11.60
CA MET A 501 -18.20 -7.15 11.30
C MET A 501 -19.31 -7.84 10.50
N ARG A 502 -20.49 -7.23 10.47
CA ARG A 502 -21.61 -7.79 9.74
C ARG A 502 -21.73 -7.25 8.32
N HIS A 503 -21.05 -6.14 8.04
CA HIS A 503 -21.11 -5.52 6.72
C HIS A 503 -19.80 -5.68 5.95
N LEU A 504 -18.76 -6.14 6.62
CA LEU A 504 -17.47 -6.34 5.95
C LEU A 504 -17.31 -7.82 5.62
N GLU A 505 -16.73 -8.11 4.47
CA GLU A 505 -16.57 -9.52 4.07
C GLU A 505 -15.08 -9.79 3.95
N LEU A 506 -14.72 -11.08 3.88
CA LEU A 506 -13.31 -11.37 3.54
C LEU A 506 -13.23 -11.36 1.98
N TRP A 507 -12.31 -10.58 1.49
CA TRP A 507 -12.06 -10.41 0.06
C TRP A 507 -11.67 -11.65 -0.66
N VAL A 508 -12.64 -12.55 -0.90
CA VAL A 508 -12.37 -13.81 -1.59
C VAL A 508 -11.62 -13.60 -2.90
N GLY A 509 -12.04 -12.61 -3.67
CA GLY A 509 -11.38 -12.32 -4.94
C GLY A 509 -9.88 -12.25 -4.86
N TYR A 510 -9.35 -11.76 -3.75
CA TYR A 510 -7.90 -11.64 -3.59
C TYR A 510 -7.25 -12.69 -2.69
N TYR A 511 -7.78 -12.87 -1.51
CA TYR A 511 -7.14 -13.81 -0.61
C TYR A 511 -7.35 -15.27 -0.93
N ILE A 512 -8.32 -15.59 -1.82
CA ILE A 512 -8.69 -17.01 -2.03
C ILE A 512 -8.89 -17.27 -3.48
N ARG A 513 -7.96 -16.72 -4.31
CA ARG A 513 -8.26 -16.77 -5.77
C ARG A 513 -7.57 -17.88 -6.49
N TRP A 514 -6.91 -18.80 -5.76
CA TRP A 514 -5.99 -19.75 -6.41
C TRP A 514 -6.63 -21.08 -6.69
N ASN A 515 -7.72 -21.31 -5.97
CA ASN A 515 -8.56 -22.47 -6.11
C ASN A 515 -9.32 -22.55 -7.45
N PRO A 516 -8.89 -23.76 -8.06
CA PRO A 516 -9.71 -23.97 -9.31
C PRO A 516 -11.12 -24.42 -9.08
N ARG A 517 -11.77 -24.13 -7.98
CA ARG A 517 -13.16 -24.12 -7.64
C ARG A 517 -13.98 -25.29 -8.08
C1 EDO B . 2.61 -3.32 1.01
O1 EDO B . 1.29 -3.50 1.54
C2 EDO B . 3.29 -2.03 1.56
O2 EDO B . 2.46 -1.30 2.48
C1 EDO C . 9.12 -11.87 10.60
O1 EDO C . 7.96 -12.05 9.78
C2 EDO C . 8.73 -11.35 12.01
O2 EDO C . 7.31 -11.18 12.13
C1 EDO D . 3.32 -10.40 2.13
O1 EDO D . 4.54 -10.84 2.71
C2 EDO D . 2.79 -9.14 2.86
O2 EDO D . 3.71 -8.70 3.88
C1 3PI E . 5.50 2.34 14.52
C2 3PI E . 4.31 2.65 13.46
C3 3PI E . 5.00 3.43 12.17
C4 3PI E . 6.14 2.55 11.48
C5 3PI E . 7.25 2.20 12.60
C6 3PI E . 6.69 1.42 13.86
O1 3PI E . 4.99 1.64 15.59
O2 3PI E . 3.70 1.35 13.04
O3 3PI E . 3.93 3.83 11.19
O4 3PI E . 6.69 3.23 10.43
O5 3PI E . 8.23 1.34 12.07
O6 3PI E . 7.64 1.21 14.77
P1 3PI E . 4.52 2.19 17.02
O11 3PI E . 4.07 0.92 17.82
O12 3PI E . 3.31 3.19 16.91
O13 3PI E . 5.69 2.69 17.95
P3 3PI E . 2.82 4.97 11.39
O31 3PI E . 3.04 6.09 10.31
O32 3PI E . 2.93 5.62 12.83
O33 3PI E . 1.40 4.30 11.16
P5 3PI E . 9.55 1.80 11.25
O51 3PI E . 9.31 3.05 10.47
O52 3PI E . 9.87 0.66 10.36
O53 3PI E . 10.71 2.05 12.15
C7 3PI E . 6.99 2.18 17.67
C8 3PI E . 7.75 2.59 18.84
C9 3PI E . 8.57 1.46 19.20
C10 3PI E . 9.54 -0.34 20.64
C11 3PI E . 10.64 0.02 21.50
C12 3PI E . 10.22 0.87 22.75
C13 3PI E . 11.56 0.94 23.54
C14 3PI E . 8.34 5.02 17.85
C15 3PI E . 9.04 6.31 18.36
C16 3PI E . 9.15 6.41 19.88
C17 3PI E . 9.78 7.73 20.18
O14 3PI E . 8.48 4.01 18.83
O15 3PI E . 9.09 1.17 20.48
O16 3PI E . 9.70 -1.07 19.92
O17 3PI E . 7.84 4.99 16.70
#